data_7VC9
#
_entry.id   7VC9
#
_cell.length_a   1.00
_cell.length_b   1.00
_cell.length_c   1.00
_cell.angle_alpha   90.00
_cell.angle_beta   90.00
_cell.angle_gamma   90.00
#
_symmetry.space_group_name_H-M   'P 1'
#
_entity_poly.entity_id   1
_entity_poly.type   'polypeptide(L)'
_entity_poly.pdbx_seq_one_letter_code
;MVGRNSAIAAGVCGALFIGYCIYFDRKRRSDPNFKNRLRERRKKQKLAKERAGLSKLPDLKDAEAVQKFFLEEIQLGEEL
LAQGEYEKGVDHLTNAIAVCGQPQQLLQVLQQTLPPPVFQMLLTKLPTISQRIVSAQSLAEDDVE
;
_entity_poly.pdbx_strand_id   M,N
#
# COMPACT_ATOMS: atom_id res chain seq x y z
N SER A 55 19.98 -10.28 15.70
CA SER A 55 20.85 -9.41 16.49
C SER A 55 20.05 -8.56 17.46
N LYS A 56 20.65 -8.25 18.60
CA LYS A 56 20.02 -7.42 19.62
C LYS A 56 20.84 -6.16 19.81
N LEU A 57 20.19 -5.01 19.69
CA LEU A 57 20.84 -3.70 19.79
C LEU A 57 22.01 -3.54 18.82
N PRO A 58 21.75 -3.52 17.51
CA PRO A 58 22.84 -3.41 16.55
C PRO A 58 23.45 -2.01 16.51
N ASP A 59 24.69 -1.93 16.05
CA ASP A 59 25.42 -0.67 15.91
C ASP A 59 26.12 -0.63 14.56
N LEU A 60 26.24 0.58 14.00
CA LEU A 60 26.92 0.73 12.71
C LEU A 60 28.41 0.42 12.86
N LYS A 61 28.91 -0.45 11.99
CA LYS A 61 30.29 -0.89 12.03
C LYS A 61 30.76 -1.24 10.63
N ASP A 62 32.08 -1.19 10.43
CA ASP A 62 32.67 -1.50 9.13
C ASP A 62 33.60 -2.70 9.24
N ALA A 63 33.80 -3.37 8.11
CA ALA A 63 34.70 -4.51 8.00
C ALA A 63 35.17 -4.63 6.56
N GLU A 64 36.06 -5.59 6.32
CA GLU A 64 36.54 -5.83 4.96
C GLU A 64 35.42 -6.35 4.07
N ALA A 65 34.37 -6.92 4.68
CA ALA A 65 33.24 -7.39 3.91
C ALA A 65 32.56 -6.26 3.14
N VAL A 66 32.35 -5.11 3.80
CA VAL A 66 31.77 -3.97 3.10
C VAL A 66 32.72 -3.46 2.03
N GLN A 67 34.04 -3.57 2.25
CA GLN A 67 35.03 -3.20 1.22
C GLN A 67 34.85 -4.15 0.03
N LYS A 68 34.60 -5.43 0.29
CA LYS A 68 34.44 -6.46 -0.78
C LYS A 68 33.06 -6.34 -1.40
N PHE A 69 32.05 -5.83 -0.68
CA PHE A 69 30.69 -5.58 -1.21
C PHE A 69 30.77 -4.27 -1.98
N PHE A 70 31.69 -3.38 -1.60
CA PHE A 70 31.96 -2.11 -2.31
C PHE A 70 32.67 -2.52 -3.59
N LEU A 71 33.46 -3.59 -3.55
CA LEU A 71 34.21 -4.08 -4.74
C LEU A 71 33.24 -4.77 -5.72
N GLU A 72 32.06 -5.23 -5.28
CA GLU A 72 31.07 -5.80 -6.18
C GLU A 72 30.18 -4.71 -6.77
N GLU A 73 30.07 -3.57 -6.09
CA GLU A 73 29.42 -2.42 -6.71
C GLU A 73 30.29 -1.86 -7.83
N ILE A 74 31.61 -1.81 -7.62
CA ILE A 74 32.52 -1.51 -8.71
C ILE A 74 32.28 -2.47 -9.87
N GLN A 75 32.15 -3.76 -9.56
CA GLN A 75 31.98 -4.75 -10.59
C GLN A 75 30.68 -4.53 -11.37
N LEU A 76 29.58 -4.29 -10.66
CA LEU A 76 28.33 -3.98 -11.35
C LEU A 76 28.50 -2.79 -12.28
N GLY A 77 29.08 -1.70 -11.77
CA GLY A 77 29.25 -0.54 -12.60
C GLY A 77 30.07 -0.84 -13.85
N GLU A 78 31.20 -1.52 -13.68
CA GLU A 78 32.09 -1.72 -14.82
C GLU A 78 31.48 -2.65 -15.86
N GLU A 79 30.83 -3.73 -15.43
CA GLU A 79 30.20 -4.58 -16.41
C GLU A 79 29.04 -3.87 -17.07
N LEU A 80 28.37 -2.98 -16.34
CA LEU A 80 27.18 -2.35 -16.90
C LEU A 80 27.55 -1.28 -17.92
N LEU A 81 28.65 -0.56 -17.70
CA LEU A 81 29.02 0.57 -18.53
C LEU A 81 30.15 0.28 -19.50
N ALA A 82 30.78 -0.90 -19.41
CA ALA A 82 31.93 -1.21 -20.25
C ALA A 82 32.98 -0.11 -20.18
N GLN A 83 33.04 0.61 -19.03
CA GLN A 83 34.02 1.70 -18.78
C GLN A 83 34.30 1.72 -17.27
N GLY A 84 35.33 1.02 -16.79
CA GLY A 84 35.64 0.89 -15.35
C GLY A 84 36.01 2.18 -14.63
N GLU A 85 36.79 3.08 -15.24
CA GLU A 85 37.30 4.28 -14.53
C GLU A 85 36.18 5.19 -14.03
N TYR A 86 35.21 5.54 -14.88
CA TYR A 86 34.13 6.50 -14.52
C TYR A 86 33.24 5.91 -13.43
N GLU A 87 32.82 4.66 -13.59
CA GLU A 87 31.91 3.97 -12.63
C GLU A 87 32.64 3.76 -11.30
N LYS A 88 33.95 3.58 -11.33
CA LYS A 88 34.75 3.39 -10.08
C LYS A 88 34.53 4.63 -9.24
N GLY A 89 34.48 5.81 -9.86
CA GLY A 89 34.19 7.07 -9.15
C GLY A 89 32.79 7.07 -8.55
N VAL A 90 31.78 6.56 -9.27
CA VAL A 90 30.35 6.58 -8.81
C VAL A 90 30.12 5.59 -7.66
N ASP A 91 30.96 4.55 -7.51
CA ASP A 91 30.83 3.61 -6.39
C ASP A 91 31.49 4.23 -5.16
N HIS A 92 32.61 4.93 -5.35
CA HIS A 92 33.27 5.70 -4.25
C HIS A 92 32.24 6.74 -3.78
N LEU A 93 31.28 7.09 -4.63
CA LEU A 93 30.23 8.09 -4.32
C LEU A 93 29.01 7.41 -3.68
N THR A 94 29.06 6.11 -3.37
CA THR A 94 27.98 5.37 -2.65
C THR A 94 28.47 4.94 -1.27
N ASN A 95 29.76 4.58 -1.12
CA ASN A 95 30.36 4.18 0.17
C ASN A 95 30.66 5.45 0.95
N ALA A 96 30.77 6.60 0.27
CA ALA A 96 31.02 7.92 0.90
C ALA A 96 29.69 8.54 1.39
N ILE A 97 28.52 7.94 1.10
CA ILE A 97 27.20 8.42 1.65
C ILE A 97 26.95 7.68 2.98
N ALA A 98 27.68 6.60 3.25
CA ALA A 98 27.61 5.93 4.58
C ALA A 98 28.06 6.99 5.58
N VAL A 99 28.97 7.88 5.17
CA VAL A 99 29.49 9.02 6.01
C VAL A 99 28.67 10.28 5.70
N CYS A 100 28.10 10.43 4.50
CA CYS A 100 27.42 11.70 4.08
C CYS A 100 28.27 12.95 4.35
N GLY A 101 29.44 13.08 3.70
CA GLY A 101 30.35 14.23 3.93
C GLY A 101 29.67 15.56 3.56
N GLN A 102 29.97 16.65 4.29
CA GLN A 102 29.29 17.96 4.07
C GLN A 102 29.13 18.37 2.59
N PRO A 103 30.17 18.58 1.74
CA PRO A 103 29.92 19.00 0.36
C PRO A 103 29.40 17.88 -0.48
N GLN A 104 29.55 16.64 0.00
CA GLN A 104 29.20 15.44 -0.73
C GLN A 104 28.18 14.58 -0.01
N GLN A 105 27.07 15.17 0.44
CA GLN A 105 26.05 14.48 1.22
C GLN A 105 24.72 14.32 0.49
N LEU A 106 24.58 14.91 -0.69
CA LEU A 106 23.29 14.89 -1.35
C LEU A 106 23.46 14.37 -2.78
N LEU A 107 24.63 14.65 -3.37
CA LEU A 107 24.97 14.19 -4.71
C LEU A 107 25.06 12.67 -4.77
N GLN A 108 25.33 12.04 -3.63
CA GLN A 108 25.97 10.72 -3.63
C GLN A 108 25.07 9.64 -4.21
N VAL A 109 23.99 9.29 -3.48
CA VAL A 109 23.19 8.12 -3.84
C VAL A 109 22.46 8.36 -5.13
N LEU A 110 22.11 9.62 -5.42
CA LEU A 110 21.43 9.92 -6.67
C LEU A 110 22.36 9.69 -7.85
N GLN A 111 23.58 10.22 -7.77
CA GLN A 111 24.50 10.05 -8.89
C GLN A 111 24.92 8.59 -9.02
N GLN A 112 24.81 7.83 -7.93
CA GLN A 112 24.96 6.37 -8.06
C GLN A 112 23.77 5.73 -8.76
N THR A 113 22.56 6.08 -8.35
CA THR A 113 21.39 5.39 -8.89
C THR A 113 21.19 5.74 -10.36
N LEU A 114 21.94 6.74 -10.84
CA LEU A 114 21.91 7.03 -12.28
C LEU A 114 22.45 5.89 -13.15
N PRO A 115 23.75 5.57 -13.13
CA PRO A 115 24.35 4.79 -14.25
C PRO A 115 23.87 3.35 -14.40
N PRO A 116 23.66 2.56 -13.34
CA PRO A 116 23.69 1.06 -13.52
C PRO A 116 22.65 0.52 -14.49
N PRO A 117 21.33 0.91 -14.41
CA PRO A 117 20.41 0.54 -15.51
C PRO A 117 20.76 1.31 -16.78
N VAL A 118 19.89 1.22 -17.79
CA VAL A 118 20.11 1.99 -19.05
C VAL A 118 20.24 3.47 -18.67
N PHE A 119 21.33 4.12 -19.10
CA PHE A 119 21.57 5.54 -18.73
C PHE A 119 20.53 6.43 -19.42
N GLN A 120 20.10 7.52 -18.75
CA GLN A 120 19.14 8.51 -19.33
C GLN A 120 17.69 8.03 -19.22
N MET A 121 17.46 6.86 -18.61
CA MET A 121 16.06 6.40 -18.38
C MET A 121 15.65 6.84 -16.96
N LEU A 122 16.59 7.45 -16.22
CA LEU A 122 16.32 7.80 -14.80
C LEU A 122 15.91 9.27 -14.67
N LEU A 123 15.67 9.96 -15.78
CA LEU A 123 15.36 11.41 -15.72
C LEU A 123 14.08 11.62 -14.90
N THR A 124 13.10 10.72 -15.04
CA THR A 124 11.80 10.88 -14.34
C THR A 124 11.81 10.16 -12.99
N LYS A 125 12.57 9.07 -12.86
CA LYS A 125 12.57 8.28 -11.62
C LYS A 125 13.40 8.98 -10.55
N LEU A 126 14.32 9.83 -11.00
CA LEU A 126 15.17 10.57 -10.07
C LEU A 126 14.34 11.50 -9.19
N PRO A 127 13.43 12.31 -9.72
CA PRO A 127 12.48 13.00 -8.84
C PRO A 127 11.63 12.06 -8.02
N THR A 128 11.31 10.86 -8.51
CA THR A 128 10.53 9.93 -7.69
C THR A 128 11.31 9.53 -6.45
N ILE A 129 12.58 9.18 -6.63
CA ILE A 129 13.42 8.84 -5.49
C ILE A 129 13.58 10.06 -4.57
N SER A 130 13.82 11.24 -5.16
CA SER A 130 14.02 12.43 -4.34
C SER A 130 12.76 12.79 -3.56
N GLN A 131 11.59 12.66 -4.18
CA GLN A 131 10.35 13.02 -3.51
C GLN A 131 9.99 11.99 -2.45
N ARG A 132 10.33 10.72 -2.68
CA ARG A 132 10.07 9.72 -1.65
C ARG A 132 11.00 9.96 -0.46
N ILE A 133 12.23 10.38 -0.73
CA ILE A 133 13.15 10.77 0.34
C ILE A 133 12.63 12.00 1.08
N VAL A 134 12.08 12.96 0.34
CA VAL A 134 11.53 14.16 0.95
C VAL A 134 10.34 13.79 1.83
N SER A 135 9.49 12.89 1.36
CA SER A 135 8.37 12.41 2.17
C SER A 135 8.86 11.68 3.40
N ALA A 136 9.94 10.91 3.26
CA ALA A 136 10.52 10.22 4.40
C ALA A 136 10.98 11.22 5.46
N GLN A 137 11.72 12.25 5.06
CA GLN A 137 12.12 13.26 6.03
C GLN A 137 10.91 14.00 6.59
N SER A 138 9.87 14.26 5.78
CA SER A 138 8.64 14.92 6.28
C SER A 138 8.08 14.10 7.45
N LEU A 139 7.97 12.78 7.28
CA LEU A 139 7.45 11.87 8.34
C LEU A 139 8.39 11.91 9.54
N ALA A 140 9.71 11.93 9.31
CA ALA A 140 10.72 11.99 10.39
C ALA A 140 10.57 13.31 11.15
N GLU A 141 10.33 14.42 10.43
CA GLU A 141 10.13 15.75 11.06
C GLU A 141 8.88 15.69 11.91
N ASP A 142 7.82 15.03 11.42
CA ASP A 142 6.55 14.90 12.17
C ASP A 142 6.84 14.10 13.45
N ASP A 143 7.65 13.04 13.36
CA ASP A 143 8.03 12.20 14.53
C ASP A 143 8.79 13.07 15.52
N VAL A 144 9.70 13.93 15.05
CA VAL A 144 10.51 14.84 15.92
C VAL A 144 9.56 15.80 16.63
N GLU A 145 8.54 16.31 15.92
CA GLU A 145 7.57 17.29 16.48
C GLU A 145 6.71 16.61 17.54
N SER B 55 -18.72 18.44 0.24
CA SER B 55 -19.49 18.67 1.45
C SER B 55 -18.57 18.93 2.65
N LYS B 56 -19.00 19.80 3.55
CA LYS B 56 -18.25 20.13 4.75
C LYS B 56 -19.03 19.67 5.97
N LEU B 57 -18.38 18.88 6.81
CA LEU B 57 -19.00 18.28 7.99
C LEU B 57 -20.28 17.50 7.64
N PRO B 58 -20.16 16.42 6.86
CA PRO B 58 -21.35 15.68 6.45
C PRO B 58 -21.98 14.91 7.61
N ASP B 59 -23.28 14.67 7.50
CA ASP B 59 -24.03 13.88 8.47
C ASP B 59 -24.88 12.86 7.73
N LEU B 60 -25.09 11.70 8.35
CA LEU B 60 -25.91 10.66 7.73
C LEU B 60 -27.37 11.08 7.69
N LYS B 61 -28.03 10.80 6.57
CA LYS B 61 -29.42 11.13 6.38
C LYS B 61 -30.03 10.15 5.38
N ASP B 62 -31.30 9.83 5.59
CA ASP B 62 -32.04 8.96 4.69
C ASP B 62 -32.99 9.78 3.82
N ALA B 63 -33.22 9.28 2.61
CA ALA B 63 -34.07 9.97 1.65
C ALA B 63 -34.64 8.96 0.67
N GLU B 64 -35.40 9.47 -0.29
CA GLU B 64 -35.92 8.63 -1.37
C GLU B 64 -34.80 7.95 -2.12
N ALA B 65 -33.74 8.70 -2.45
CA ALA B 65 -32.67 8.19 -3.30
C ALA B 65 -31.98 6.98 -2.69
N VAL B 66 -31.67 7.02 -1.39
CA VAL B 66 -30.96 5.91 -0.77
C VAL B 66 -31.83 4.66 -0.74
N GLN B 67 -33.11 4.81 -0.42
CA GLN B 67 -34.00 3.67 -0.37
C GLN B 67 -34.16 3.07 -1.74
N LYS B 68 -34.30 3.91 -2.75
CA LYS B 68 -34.36 3.33 -4.07
C LYS B 68 -33.02 2.80 -4.51
N PHE B 69 -31.94 3.32 -3.91
CA PHE B 69 -30.59 2.78 -4.21
C PHE B 69 -30.58 1.39 -3.57
N PHE B 70 -31.29 1.18 -2.46
CA PHE B 70 -31.45 -0.20 -1.93
C PHE B 70 -32.20 -0.96 -3.03
N LEU B 71 -33.20 -0.35 -3.68
CA LEU B 71 -33.97 -0.98 -4.81
C LEU B 71 -33.16 -1.03 -6.10
N GLU B 72 -32.01 -0.37 -6.19
CA GLU B 72 -31.07 -0.48 -7.34
C GLU B 72 -30.26 -1.74 -7.07
N GLU B 73 -30.06 -2.08 -5.79
CA GLU B 73 -29.37 -3.33 -5.36
C GLU B 73 -30.41 -4.45 -5.25
N ILE B 74 -31.71 -4.15 -5.05
CA ILE B 74 -32.77 -5.20 -5.05
C ILE B 74 -32.73 -5.72 -6.48
N GLN B 75 -32.77 -4.86 -7.49
CA GLN B 75 -32.87 -5.15 -8.93
C GLN B 75 -31.68 -5.96 -9.41
N LEU B 76 -30.46 -5.58 -8.97
CA LEU B 76 -29.30 -6.42 -9.27
C LEU B 76 -29.49 -7.84 -8.77
N GLY B 77 -30.01 -8.00 -7.57
CA GLY B 77 -30.21 -9.36 -7.08
C GLY B 77 -31.11 -10.18 -7.97
N GLU B 78 -32.30 -9.68 -8.29
CA GLU B 78 -33.20 -10.49 -9.13
C GLU B 78 -32.57 -10.77 -10.48
N GLU B 79 -32.04 -9.74 -11.15
CA GLU B 79 -31.44 -10.04 -12.45
C GLU B 79 -30.29 -11.02 -12.31
N LEU B 80 -29.65 -11.04 -11.13
CA LEU B 80 -28.48 -11.88 -10.95
C LEU B 80 -28.87 -13.34 -10.75
N LEU B 81 -29.96 -13.59 -10.03
CA LEU B 81 -30.22 -14.93 -9.52
C LEU B 81 -31.42 -15.61 -10.18
N ALA B 82 -32.19 -14.87 -10.98
CA ALA B 82 -33.35 -15.44 -11.66
C ALA B 82 -34.33 -16.05 -10.66
N GLN B 83 -34.31 -15.54 -9.43
CA GLN B 83 -35.31 -15.83 -8.38
C GLN B 83 -35.37 -14.62 -7.44
N GLY B 84 -36.60 -14.22 -7.08
CA GLY B 84 -36.80 -12.89 -6.50
C GLY B 84 -36.82 -12.84 -4.98
N GLU B 85 -37.76 -13.56 -4.36
CA GLU B 85 -38.08 -13.32 -2.95
C GLU B 85 -36.84 -13.27 -2.09
N TYR B 86 -35.89 -14.14 -2.38
CA TYR B 86 -34.76 -14.22 -1.50
C TYR B 86 -33.88 -12.99 -1.69
N GLU B 87 -33.83 -12.47 -2.91
CA GLU B 87 -33.24 -11.15 -3.11
C GLU B 87 -34.00 -10.10 -2.33
N LYS B 88 -35.32 -10.22 -2.26
CA LYS B 88 -36.05 -9.29 -1.40
C LYS B 88 -35.50 -9.36 0.01
N GLY B 89 -35.31 -10.58 0.51
CA GLY B 89 -34.74 -10.75 1.82
C GLY B 89 -33.37 -10.10 1.94
N VAL B 90 -32.51 -10.30 0.95
CA VAL B 90 -31.10 -9.80 1.02
C VAL B 90 -31.10 -8.27 0.91
N ASP B 91 -31.94 -7.63 0.09
CA ASP B 91 -32.03 -6.15 0.03
C ASP B 91 -32.68 -5.60 1.30
N HIS B 92 -33.62 -6.34 1.89
CA HIS B 92 -34.21 -5.95 3.19
C HIS B 92 -33.06 -6.03 4.19
N LEU B 93 -32.18 -7.03 4.06
CA LEU B 93 -30.97 -7.19 4.92
C LEU B 93 -30.07 -5.99 4.66
N THR B 94 -30.00 -5.48 3.42
CA THR B 94 -29.22 -4.27 3.03
C THR B 94 -29.78 -3.00 3.67
N ASN B 95 -31.11 -2.88 3.78
CA ASN B 95 -31.70 -1.72 4.51
C ASN B 95 -31.15 -1.81 5.94
N ALA B 96 -30.98 -3.02 6.48
CA ALA B 96 -30.48 -3.26 7.83
C ALA B 96 -28.98 -2.97 7.90
N ILE B 97 -28.25 -3.28 6.83
CA ILE B 97 -26.84 -2.92 6.75
C ILE B 97 -26.68 -1.42 6.91
N ALA B 98 -27.60 -0.63 6.36
CA ALA B 98 -27.53 0.83 6.58
C ALA B 98 -27.65 1.15 8.08
N VAL B 99 -28.52 0.44 8.81
CA VAL B 99 -28.79 0.71 10.25
C VAL B 99 -27.59 0.22 11.07
N CYS B 100 -27.32 0.76 12.27
CA CYS B 100 -26.13 0.39 13.09
C CYS B 100 -26.44 -0.64 14.21
N GLY B 101 -26.33 -1.95 13.95
CA GLY B 101 -26.45 -3.03 14.98
C GLY B 101 -25.42 -4.12 14.65
N GLN B 102 -24.35 -4.35 15.43
CA GLN B 102 -23.20 -5.25 15.07
C GLN B 102 -23.44 -6.77 14.99
N PRO B 103 -24.07 -7.51 15.93
CA PRO B 103 -24.14 -9.00 15.85
C PRO B 103 -24.97 -9.38 14.60
N GLN B 104 -26.17 -8.81 14.48
CA GLN B 104 -27.05 -8.97 13.28
C GLN B 104 -26.34 -8.52 12.00
N GLN B 105 -25.63 -7.39 12.03
CA GLN B 105 -25.00 -6.81 10.81
C GLN B 105 -24.17 -7.85 10.08
N LEU B 106 -23.56 -8.78 10.82
CA LEU B 106 -22.64 -9.69 10.14
C LEU B 106 -23.39 -10.79 9.42
N LEU B 107 -24.38 -11.38 10.12
CA LEU B 107 -25.36 -12.20 9.41
C LEU B 107 -25.81 -11.52 8.12
N GLN B 108 -26.14 -10.22 8.23
CA GLN B 108 -26.79 -9.52 7.14
C GLN B 108 -25.83 -9.34 5.96
N VAL B 109 -24.60 -8.85 6.24
CA VAL B 109 -23.65 -8.61 5.17
C VAL B 109 -23.34 -9.90 4.44
N LEU B 110 -23.00 -10.96 5.16
CA LEU B 110 -22.57 -12.22 4.49
C LEU B 110 -23.71 -12.72 3.61
N GLN B 111 -24.96 -12.60 4.06
CA GLN B 111 -26.16 -13.07 3.30
C GLN B 111 -26.44 -12.14 2.11
N GLN B 112 -26.07 -10.85 2.20
CA GLN B 112 -26.26 -9.85 1.12
C GLN B 112 -25.17 -10.03 0.06
N THR B 113 -23.92 -10.28 0.47
CA THR B 113 -22.75 -10.35 -0.45
C THR B 113 -22.59 -11.74 -1.09
N LEU B 114 -23.12 -12.81 -0.49
CA LEU B 114 -22.95 -14.19 -1.04
C LEU B 114 -23.67 -14.35 -2.39
N PRO B 115 -24.94 -13.93 -2.60
CA PRO B 115 -25.60 -14.16 -3.90
C PRO B 115 -25.03 -13.49 -5.16
N PRO B 116 -24.59 -12.22 -5.18
CA PRO B 116 -24.21 -11.55 -6.44
C PRO B 116 -23.21 -12.25 -7.39
N PRO B 117 -21.92 -12.55 -7.09
CA PRO B 117 -21.05 -13.32 -8.01
C PRO B 117 -21.68 -14.65 -8.41
N VAL B 118 -20.91 -15.53 -9.04
CA VAL B 118 -21.40 -16.90 -9.17
C VAL B 118 -20.65 -17.69 -8.12
N PHE B 119 -20.99 -18.97 -7.99
CA PHE B 119 -20.88 -19.68 -6.72
C PHE B 119 -19.48 -19.82 -6.12
N GLN B 120 -18.54 -20.40 -6.87
CA GLN B 120 -17.42 -21.15 -6.29
C GLN B 120 -16.57 -20.41 -5.26
N MET B 121 -15.86 -19.35 -5.68
CA MET B 121 -14.83 -18.74 -4.85
C MET B 121 -15.37 -18.03 -3.62
N LEU B 122 -16.70 -17.88 -3.53
CA LEU B 122 -17.27 -16.97 -2.54
C LEU B 122 -17.23 -17.55 -1.12
N LEU B 123 -17.17 -18.90 -1.02
CA LEU B 123 -17.25 -19.63 0.28
C LEU B 123 -15.94 -19.48 1.02
N THR B 124 -14.85 -19.14 0.33
CA THR B 124 -13.53 -18.83 0.95
C THR B 124 -13.40 -17.32 1.04
N LYS B 125 -13.94 -16.58 0.06
CA LYS B 125 -13.85 -15.10 0.00
C LYS B 125 -14.71 -14.50 1.13
N LEU B 126 -15.86 -15.08 1.49
CA LEU B 126 -16.71 -14.59 2.61
C LEU B 126 -15.88 -14.71 3.88
N PRO B 127 -15.28 -15.87 4.24
CA PRO B 127 -14.33 -15.94 5.36
C PRO B 127 -13.14 -14.98 5.28
N THR B 128 -12.64 -14.64 4.09
CA THR B 128 -11.50 -13.69 3.87
C THR B 128 -12.03 -12.26 3.84
N ILE B 129 -13.33 -12.05 3.60
CA ILE B 129 -14.00 -10.72 3.64
C ILE B 129 -14.25 -10.45 5.11
N SER B 130 -14.57 -11.50 5.89
CA SER B 130 -14.78 -11.39 7.34
C SER B 130 -13.42 -11.25 8.01
N GLN B 131 -12.31 -11.72 7.40
CA GLN B 131 -10.97 -11.54 7.92
C GLN B 131 -10.52 -10.09 7.82
N ARG B 132 -10.77 -9.45 6.68
CA ARG B 132 -10.36 -8.07 6.54
C ARG B 132 -11.20 -7.17 7.42
N ILE B 133 -12.47 -7.53 7.63
CA ILE B 133 -13.33 -6.81 8.56
C ILE B 133 -12.78 -6.91 9.97
N VAL B 134 -12.32 -8.10 10.35
CA VAL B 134 -11.74 -8.29 11.68
C VAL B 134 -10.44 -7.51 11.80
N SER B 135 -9.66 -7.45 10.72
CA SER B 135 -8.44 -6.65 10.73
C SER B 135 -8.75 -5.17 10.93
N ALA B 136 -9.77 -4.68 10.22
CA ALA B 136 -10.21 -3.30 10.39
C ALA B 136 -10.69 -3.05 11.81
N GLN B 137 -11.44 -4.01 12.39
CA GLN B 137 -11.84 -3.88 13.78
C GLN B 137 -10.63 -3.82 14.70
N SER B 138 -9.64 -4.67 14.47
CA SER B 138 -8.44 -4.68 15.31
C SER B 138 -7.75 -3.33 15.26
N LEU B 139 -7.66 -2.75 14.07
CA LEU B 139 -7.17 -1.37 13.96
C LEU B 139 -8.09 -0.42 14.71
N ALA B 140 -9.39 -0.72 14.76
CA ALA B 140 -10.32 0.14 15.49
C ALA B 140 -10.08 0.11 16.98
N GLU B 141 -9.83 -1.07 17.55
CA GLU B 141 -9.53 -1.11 18.98
C GLU B 141 -8.09 -0.69 19.27
N ASP B 142 -7.22 -0.68 18.26
CA ASP B 142 -5.97 0.08 18.40
C ASP B 142 -6.27 1.57 18.48
N ASP B 143 -7.27 2.03 17.73
CA ASP B 143 -7.78 3.38 17.95
C ASP B 143 -8.36 3.49 19.35
N VAL B 144 -8.86 2.37 19.88
CA VAL B 144 -9.26 2.32 21.29
C VAL B 144 -8.02 2.35 22.18
N GLU B 145 -6.92 1.72 21.75
CA GLU B 145 -5.64 1.96 22.42
C GLU B 145 -5.33 3.45 22.30
#